data_5NM7
#
_entry.id   5NM7
#
_cell.length_a   154.615
_cell.length_b   154.615
_cell.length_c   125.823
_cell.angle_alpha   90.00
_cell.angle_beta   90.00
_cell.angle_gamma   120.00
#
_symmetry.space_group_name_H-M   'H 3 2'
#
loop_
_entity.id
_entity.type
_entity.pdbx_description
1 polymer 'Peptidoglycan-binding domain 1'
2 non-polymer GLYCINE
3 non-polymer 'TRIETHYLENE GLYCOL'
4 water water
#
_entity_poly.entity_id   1
_entity_poly.type   'polypeptide(L)'
_entity_poly.pdbx_seq_one_letter_code
;MYKTLRLGDRGADVSYLQRQLIAAGARLDIDAIYGSATRDAVMAFQATHGLVADGIAGPKTWSTLSAGRRDPRHLTDADL
QRAADRLQVDLAAVRAVNEVESKGAGFLPDGRPVILYERHIMYRQLAAAGLDADALAAKYPALVNSKRGGYAGDAAEYAR
LASASQISGACALEATSWGAFQIMGFHWKALGYPDVFAFVDAMKVSEAEQLEAFVRFVLADKVMLAALRSKKWAKFAELY
NGKAYAENLYDVKLERAFDRYSRAAA
;
_entity_poly.pdbx_strand_id   G,A
#
loop_
_chem_comp.id
_chem_comp.type
_chem_comp.name
_chem_comp.formula
PGE non-polymer 'TRIETHYLENE GLYCOL' 'C6 H14 O4'
#
# COMPACT_ATOMS: atom_id res chain seq x y z
N TYR A 2 26.26 24.17 -17.98
CA TYR A 2 27.45 23.37 -17.53
C TYR A 2 26.99 22.00 -17.05
N LYS A 3 27.88 21.02 -17.15
CA LYS A 3 27.55 19.66 -16.72
C LYS A 3 27.51 19.62 -15.17
N THR A 4 26.68 18.73 -14.63
CA THR A 4 26.63 18.52 -13.18
C THR A 4 27.93 17.92 -12.68
N LEU A 5 28.48 18.47 -11.62
CA LEU A 5 29.71 18.03 -11.04
C LEU A 5 29.49 17.59 -9.60
N ARG A 6 30.24 16.58 -9.21
CA ARG A 6 30.16 16.01 -7.89
C ARG A 6 31.49 15.47 -7.44
N LEU A 7 31.53 15.14 -6.15
CA LEU A 7 32.72 14.58 -5.53
C LEU A 7 33.34 13.50 -6.40
N GLY A 8 34.64 13.66 -6.69
CA GLY A 8 35.39 12.73 -7.48
C GLY A 8 35.61 13.18 -8.91
N ASP A 9 34.81 14.12 -9.41
CA ASP A 9 35.02 14.66 -10.74
C ASP A 9 36.36 15.41 -10.81
N ARG A 10 36.94 15.41 -12.00
CA ARG A 10 38.24 16.06 -12.24
C ARG A 10 38.22 16.71 -13.60
N GLY A 11 38.92 17.83 -13.74
CA GLY A 11 39.11 18.41 -15.06
C GLY A 11 38.78 19.86 -15.15
N ALA A 12 38.81 20.36 -16.38
CA ALA A 12 38.62 21.80 -16.64
C ALA A 12 37.31 22.34 -16.07
N ASP A 13 36.24 21.55 -16.13
CA ASP A 13 34.96 21.98 -15.56
C ASP A 13 35.05 22.17 -14.04
N VAL A 14 35.84 21.35 -13.35
CA VAL A 14 36.02 21.48 -11.93
C VAL A 14 36.83 22.73 -11.59
N SER A 15 37.90 22.99 -12.33
CA SER A 15 38.68 24.20 -12.01
C SER A 15 37.81 25.43 -12.26
N TYR A 16 36.98 25.41 -13.31
CA TYR A 16 36.03 26.48 -13.56
C TYR A 16 35.07 26.65 -12.38
N LEU A 17 34.53 25.55 -11.88
CA LEU A 17 33.71 25.61 -10.67
C LEU A 17 34.46 26.23 -9.49
N GLN A 18 35.67 25.78 -9.25
CA GLN A 18 36.47 26.27 -8.13
C GLN A 18 36.69 27.79 -8.23
N ARG A 19 37.00 28.26 -9.43
CA ARG A 19 37.12 29.72 -9.66
C ARG A 19 35.84 30.47 -9.36
N GLN A 20 34.69 29.92 -9.78
CA GLN A 20 33.38 30.53 -9.52
C GLN A 20 33.08 30.56 -8.02
N LEU A 21 33.39 29.47 -7.32
CA LEU A 21 33.22 29.43 -5.87
C LEU A 21 34.10 30.47 -5.18
N ILE A 22 35.33 30.63 -5.65
CA ILE A 22 36.25 31.66 -5.11
C ILE A 22 35.70 33.07 -5.38
N ALA A 23 35.19 33.31 -6.58
CA ALA A 23 34.54 34.57 -6.94
C ALA A 23 33.34 34.88 -6.04
N ALA A 24 32.65 33.83 -5.58
CA ALA A 24 31.58 33.96 -4.58
C ALA A 24 32.03 33.96 -3.11
N GLY A 25 33.33 34.00 -2.85
CA GLY A 25 33.87 34.08 -1.51
C GLY A 25 34.62 32.91 -0.93
N ALA A 26 34.70 31.77 -1.64
CA ALA A 26 35.36 30.56 -1.11
C ALA A 26 36.88 30.71 -1.06
N ARG A 27 37.51 29.91 -0.22
CA ARG A 27 38.96 29.75 -0.22
C ARG A 27 39.28 28.32 -0.63
N LEU A 28 39.83 28.16 -1.84
CA LEU A 28 40.13 26.85 -2.42
C LEU A 28 41.38 26.87 -3.26
N ASP A 29 42.08 25.74 -3.27
CA ASP A 29 43.17 25.49 -4.22
C ASP A 29 42.47 25.18 -5.56
N ILE A 30 42.89 25.85 -6.62
CA ILE A 30 42.34 25.60 -7.95
C ILE A 30 43.17 24.49 -8.58
N ASP A 31 42.78 23.24 -8.31
CA ASP A 31 43.52 22.07 -8.75
C ASP A 31 42.72 21.13 -9.65
N ALA A 32 41.48 21.51 -10.02
CA ALA A 32 40.64 20.74 -10.92
C ALA A 32 40.21 19.38 -10.31
N ILE A 33 40.24 19.27 -8.98
CA ILE A 33 39.84 18.03 -8.28
C ILE A 33 38.67 18.38 -7.36
N TYR A 34 37.53 17.73 -7.60
CA TYR A 34 36.35 17.97 -6.78
C TYR A 34 36.46 16.99 -5.61
N GLY A 35 37.18 17.42 -4.59
CA GLY A 35 37.34 16.63 -3.39
C GLY A 35 36.50 17.21 -2.28
N SER A 36 36.82 16.83 -1.05
CA SER A 36 36.03 17.24 0.10
C SER A 36 36.01 18.74 0.33
N ALA A 37 37.12 19.43 0.07
CA ALA A 37 37.15 20.88 0.25
C ALA A 37 36.23 21.56 -0.76
N THR A 38 36.27 21.09 -2.00
CA THR A 38 35.43 21.65 -3.05
C THR A 38 33.96 21.37 -2.72
N ARG A 39 33.66 20.13 -2.33
N ARG A 39 33.66 20.13 -2.33
CA ARG A 39 32.31 19.77 -1.92
CA ARG A 39 32.31 19.77 -1.92
C ARG A 39 31.80 20.65 -0.77
C ARG A 39 31.80 20.65 -0.77
N ASP A 40 32.63 20.80 0.27
CA ASP A 40 32.30 21.68 1.40
C ASP A 40 32.02 23.09 0.94
N ALA A 41 32.81 23.59 -0.02
CA ALA A 41 32.58 24.92 -0.54
C ALA A 41 31.25 25.03 -1.29
N VAL A 42 30.91 24.00 -2.06
CA VAL A 42 29.65 23.98 -2.77
C VAL A 42 28.53 23.99 -1.71
N MET A 43 28.68 23.16 -0.68
CA MET A 43 27.69 23.13 0.39
C MET A 43 27.51 24.47 1.08
N ALA A 44 28.64 25.12 1.44
CA ALA A 44 28.60 26.42 2.06
C ALA A 44 27.97 27.46 1.13
N PHE A 45 28.32 27.43 -0.15
CA PHE A 45 27.69 28.31 -1.11
C PHE A 45 26.19 28.08 -1.20
N GLN A 46 25.78 26.81 -1.26
CA GLN A 46 24.37 26.51 -1.42
C GLN A 46 23.58 27.01 -0.20
N ALA A 47 24.13 26.74 0.98
CA ALA A 47 23.46 27.05 2.23
C ALA A 47 23.24 28.53 2.37
N THR A 48 24.26 29.30 2.03
CA THR A 48 24.20 30.75 2.22
C THR A 48 23.38 31.45 1.14
N HIS A 49 23.15 30.83 -0.01
CA HIS A 49 22.35 31.44 -1.10
C HIS A 49 20.93 30.84 -1.28
N GLY A 50 20.42 30.13 -0.29
CA GLY A 50 19.06 29.58 -0.34
C GLY A 50 18.88 28.42 -1.30
N LEU A 51 19.93 27.64 -1.51
CA LEU A 51 19.84 26.42 -2.30
C LEU A 51 19.79 25.26 -1.30
N VAL A 52 19.46 24.10 -1.80
CA VAL A 52 19.66 22.88 -1.01
C VAL A 52 21.16 22.55 -0.94
N ALA A 53 21.67 22.41 0.29
CA ALA A 53 23.10 22.17 0.52
C ALA A 53 23.39 20.69 0.43
N ASP A 54 23.57 20.21 -0.78
CA ASP A 54 23.90 18.80 -1.03
C ASP A 54 25.33 18.58 -1.52
N GLY A 55 26.05 19.65 -1.76
CA GLY A 55 27.44 19.51 -2.23
C GLY A 55 27.58 19.05 -3.66
N ILE A 56 26.48 19.07 -4.43
CA ILE A 56 26.47 18.67 -5.83
C ILE A 56 26.22 19.91 -6.66
N ALA A 57 27.17 20.20 -7.56
CA ALA A 57 27.05 21.38 -8.43
C ALA A 57 26.22 20.99 -9.62
N GLY A 58 24.92 21.08 -9.47
CA GLY A 58 24.00 20.79 -10.58
C GLY A 58 23.49 22.06 -11.21
N PRO A 59 22.42 21.95 -12.03
CA PRO A 59 21.94 23.13 -12.80
C PRO A 59 21.46 24.28 -11.91
N LYS A 60 20.86 23.96 -10.77
CA LYS A 60 20.41 25.02 -9.87
C LYS A 60 21.57 25.77 -9.27
N THR A 61 22.58 25.03 -8.81
CA THR A 61 23.76 25.68 -8.24
C THR A 61 24.48 26.50 -9.31
N TRP A 62 24.64 25.93 -10.49
CA TRP A 62 25.28 26.66 -11.60
C TRP A 62 24.57 27.97 -11.93
N SER A 63 23.24 27.94 -11.95
CA SER A 63 22.48 29.15 -12.20
C SER A 63 22.77 30.24 -11.16
N THR A 64 22.80 29.89 -9.88
CA THR A 64 23.10 30.89 -8.84
C THR A 64 24.55 31.31 -8.87
N LEU A 65 25.39 30.34 -9.14
CA LEU A 65 26.80 30.58 -9.06
C LEU A 65 27.29 31.44 -10.24
N SER A 66 26.66 31.29 -11.40
CA SER A 66 27.04 32.02 -12.63
C SER A 66 26.27 33.31 -12.84
N ALA A 67 25.04 33.41 -12.31
CA ALA A 67 24.14 34.55 -12.57
C ALA A 67 23.46 35.18 -11.36
N GLY A 68 23.69 34.64 -10.16
CA GLY A 68 23.05 35.14 -8.96
C GLY A 68 21.55 35.03 -8.88
N ARG A 69 20.97 34.14 -9.69
CA ARG A 69 19.55 33.99 -9.84
C ARG A 69 19.18 32.84 -8.96
N ARG A 70 18.00 32.88 -8.37
CA ARG A 70 17.46 31.73 -7.66
C ARG A 70 15.98 31.69 -8.02
N ASP A 71 15.48 30.54 -8.43
CA ASP A 71 14.05 30.42 -8.77
C ASP A 71 13.31 30.22 -7.44
N PRO A 72 12.28 31.05 -7.16
CA PRO A 72 11.57 30.90 -5.90
C PRO A 72 10.75 29.58 -5.83
N ARG A 73 10.52 28.91 -6.94
CA ARG A 73 9.85 27.58 -6.96
C ARG A 73 10.75 26.47 -6.43
N HIS A 74 12.06 26.73 -6.34
CA HIS A 74 12.99 25.65 -5.96
C HIS A 74 13.06 25.46 -4.46
N LEU A 75 13.27 24.19 -4.10
CA LEU A 75 13.42 23.83 -2.72
C LEU A 75 14.64 24.48 -2.10
N THR A 76 14.53 24.86 -0.83
CA THR A 76 15.64 25.40 -0.04
C THR A 76 16.02 24.49 1.13
N ASP A 77 17.19 24.73 1.74
CA ASP A 77 17.59 24.06 2.99
C ASP A 77 16.52 24.16 4.06
N ALA A 78 15.92 25.34 4.17
CA ALA A 78 14.92 25.60 5.19
C ALA A 78 13.70 24.73 4.99
N ASP A 79 13.31 24.46 3.74
CA ASP A 79 12.24 23.51 3.49
C ASP A 79 12.57 22.12 4.03
N LEU A 80 13.83 21.69 3.88
CA LEU A 80 14.23 20.36 4.39
C LEU A 80 14.17 20.33 5.91
N GLN A 81 14.60 21.42 6.56
CA GLN A 81 14.49 21.51 8.01
C GLN A 81 13.04 21.44 8.45
N ARG A 82 12.15 22.15 7.74
CA ARG A 82 10.72 22.06 8.06
C ARG A 82 10.17 20.63 7.91
N ALA A 83 10.59 19.95 6.84
CA ALA A 83 10.19 18.57 6.63
C ALA A 83 10.70 17.66 7.75
N ALA A 84 11.93 17.88 8.20
CA ALA A 84 12.48 17.10 9.33
C ALA A 84 11.66 17.29 10.60
N ASP A 85 11.28 18.53 10.86
CA ASP A 85 10.38 18.83 11.98
C ASP A 85 9.01 18.18 11.83
N ARG A 86 8.42 18.26 10.64
CA ARG A 86 7.14 17.62 10.39
C ARG A 86 7.16 16.12 10.62
N LEU A 87 8.24 15.48 10.20
CA LEU A 87 8.37 14.02 10.27
C LEU A 87 8.93 13.52 11.58
N GLN A 88 9.55 14.40 12.38
CA GLN A 88 10.34 14.02 13.55
C GLN A 88 11.41 13.02 13.14
N VAL A 89 12.12 13.38 12.07
CA VAL A 89 13.21 12.59 11.51
C VAL A 89 14.45 13.49 11.57
N ASP A 90 15.60 12.87 11.81
CA ASP A 90 16.87 13.54 11.87
C ASP A 90 17.06 14.29 10.52
N LEU A 91 17.51 15.52 10.59
CA LEU A 91 17.65 16.35 9.39
C LEU A 91 18.55 15.66 8.35
N ALA A 92 19.62 15.02 8.81
CA ALA A 92 20.51 14.28 7.92
C ALA A 92 19.77 13.21 7.14
N ALA A 93 18.79 12.55 7.79
CA ALA A 93 17.99 11.56 7.09
C ALA A 93 17.10 12.16 6.02
N VAL A 94 16.55 13.33 6.31
CA VAL A 94 15.73 14.07 5.32
C VAL A 94 16.57 14.54 4.15
N ARG A 95 17.76 15.06 4.45
CA ARG A 95 18.69 15.42 3.40
C ARG A 95 19.07 14.23 2.54
N ALA A 96 19.32 13.07 3.15
CA ALA A 96 19.59 11.85 2.39
C ALA A 96 18.45 11.41 1.52
N VAL A 97 17.22 11.42 2.05
CA VAL A 97 16.04 11.10 1.25
C VAL A 97 15.84 12.04 0.09
N ASN A 98 15.99 13.32 0.37
CA ASN A 98 15.87 14.32 -0.68
C ASN A 98 16.90 14.11 -1.77
N GLU A 99 18.14 13.88 -1.39
CA GLU A 99 19.18 13.61 -2.39
C GLU A 99 18.92 12.40 -3.26
N VAL A 100 18.51 11.31 -2.64
CA VAL A 100 18.40 10.05 -3.34
C VAL A 100 17.05 9.90 -4.05
N GLU A 101 15.97 10.33 -3.39
CA GLU A 101 14.63 10.01 -3.86
C GLU A 101 13.99 11.11 -4.69
N SER A 102 14.45 12.33 -4.57
CA SER A 102 13.89 13.38 -5.39
C SER A 102 14.35 13.22 -6.84
N LYS A 103 13.49 13.59 -7.78
CA LYS A 103 13.91 13.77 -9.16
C LYS A 103 14.87 14.95 -9.32
N GLY A 104 14.94 15.82 -8.33
CA GLY A 104 15.80 17.00 -8.35
C GLY A 104 14.94 18.17 -8.77
N ALA A 105 14.88 18.43 -10.08
CA ALA A 105 13.92 19.40 -10.57
C ALA A 105 12.47 18.84 -10.44
N GLY A 106 11.63 19.56 -9.72
CA GLY A 106 10.22 19.23 -9.61
C GLY A 106 9.39 19.76 -10.77
N PHE A 107 9.99 20.62 -11.59
CA PHE A 107 9.32 21.23 -12.73
C PHE A 107 10.10 21.00 -14.01
N LEU A 108 9.34 20.84 -15.10
CA LEU A 108 9.88 20.77 -16.43
C LEU A 108 10.41 22.16 -16.79
N PRO A 109 11.27 22.21 -17.81
CA PRO A 109 11.72 23.53 -18.27
C PRO A 109 10.57 24.49 -18.63
N ASP A 110 9.44 23.96 -19.13
CA ASP A 110 8.29 24.79 -19.47
C ASP A 110 7.50 25.34 -18.27
N GLY A 111 7.81 24.84 -17.05
CA GLY A 111 7.30 25.41 -15.83
C GLY A 111 6.23 24.53 -15.16
N ARG A 112 5.75 23.50 -15.86
CA ARG A 112 4.75 22.62 -15.30
C ARG A 112 5.46 21.59 -14.45
N PRO A 113 4.75 21.04 -13.46
CA PRO A 113 5.40 19.98 -12.67
C PRO A 113 5.78 18.73 -13.48
N VAL A 114 6.82 18.05 -13.06
CA VAL A 114 7.20 16.77 -13.63
C VAL A 114 6.12 15.74 -13.29
N ILE A 115 5.69 15.00 -14.29
CA ILE A 115 4.61 14.01 -14.14
C ILE A 115 4.93 12.73 -14.82
N LEU A 116 4.23 11.68 -14.40
CA LEU A 116 4.18 10.43 -15.12
C LEU A 116 2.78 9.89 -15.01
N TYR A 117 2.14 9.72 -16.17
CA TYR A 117 0.78 9.23 -16.22
C TYR A 117 0.78 7.69 -16.27
N GLU A 118 -0.09 7.06 -15.46
CA GLU A 118 -0.10 5.62 -15.23
C GLU A 118 -1.43 5.04 -15.71
N ARG A 119 -1.42 4.50 -16.93
CA ARG A 119 -2.62 4.01 -17.58
C ARG A 119 -3.30 2.87 -16.84
N HIS A 120 -2.50 2.07 -16.13
CA HIS A 120 -3.06 0.99 -15.30
C HIS A 120 -3.76 1.50 -14.05
N ILE A 121 -3.32 2.63 -13.50
CA ILE A 121 -4.04 3.28 -12.44
C ILE A 121 -5.28 3.99 -12.97
N MET A 122 -5.20 4.59 -14.17
CA MET A 122 -6.40 5.18 -14.78
C MET A 122 -7.49 4.10 -14.91
N TYR A 123 -7.11 2.96 -15.46
CA TYR A 123 -8.00 1.80 -15.56
C TYR A 123 -8.69 1.53 -14.20
N ARG A 124 -7.88 1.50 -13.16
CA ARG A 124 -8.35 1.24 -11.81
C ARG A 124 -9.32 2.32 -11.29
N GLN A 125 -9.00 3.59 -11.52
CA GLN A 125 -9.81 4.69 -11.01
C GLN A 125 -11.14 4.82 -11.74
N LEU A 126 -11.14 4.49 -13.03
CA LEU A 126 -12.37 4.47 -13.83
C LEU A 126 -13.34 3.36 -13.37
N ALA A 127 -12.79 2.17 -13.12
CA ALA A 127 -13.57 1.05 -12.58
C ALA A 127 -14.23 1.41 -11.23
N ALA A 128 -13.44 1.93 -10.31
CA ALA A 128 -13.94 2.40 -9.01
C ALA A 128 -14.94 3.57 -9.08
N ALA A 129 -14.84 4.38 -10.13
CA ALA A 129 -15.80 5.48 -10.36
C ALA A 129 -17.14 5.03 -11.00
N GLY A 130 -17.22 3.75 -11.40
CA GLY A 130 -18.49 3.12 -11.76
C GLY A 130 -18.38 2.27 -13.01
N LEU A 136 -13.43 1.32 -22.58
CA LEU A 136 -12.42 2.41 -22.64
C LEU A 136 -10.98 1.95 -22.91
N ALA A 137 -10.56 0.87 -22.25
CA ALA A 137 -9.27 0.20 -22.53
C ALA A 137 -9.14 -0.33 -23.96
N ALA A 138 -10.23 -0.85 -24.51
CA ALA A 138 -10.29 -1.23 -25.92
C ALA A 138 -10.27 -0.01 -26.87
N LYS A 139 -11.03 1.03 -26.53
CA LYS A 139 -11.08 2.27 -27.33
C LYS A 139 -9.75 3.06 -27.31
N TYR A 140 -9.08 3.08 -26.16
CA TYR A 140 -7.90 3.92 -25.95
C TYR A 140 -6.77 3.13 -25.24
N PRO A 141 -6.23 2.09 -25.90
CA PRO A 141 -5.28 1.15 -25.24
C PRO A 141 -3.95 1.74 -24.73
N ALA A 142 -3.45 2.80 -25.36
CA ALA A 142 -2.25 3.48 -24.90
C ALA A 142 -2.47 4.26 -23.59
N LEU A 143 -3.72 4.70 -23.37
CA LEU A 143 -4.09 5.54 -22.22
C LEU A 143 -4.81 4.85 -21.10
N VAL A 144 -5.52 3.79 -21.43
CA VAL A 144 -6.29 3.06 -20.42
C VAL A 144 -5.94 1.62 -20.69
N ASN A 145 -5.41 0.93 -19.68
CA ASN A 145 -4.89 -0.42 -19.86
C ASN A 145 -4.58 -1.06 -18.53
N SER A 146 -4.94 -2.34 -18.34
CA SER A 146 -4.56 -3.08 -17.14
C SER A 146 -3.05 -3.36 -17.10
N LYS A 147 -2.41 -3.33 -18.26
CA LYS A 147 -0.95 -3.41 -18.39
C LYS A 147 -0.30 -2.04 -18.17
N ARG A 148 0.74 -2.02 -17.35
CA ARG A 148 1.49 -0.81 -17.08
C ARG A 148 2.31 -0.41 -18.30
N GLY A 149 2.62 0.88 -18.37
CA GLY A 149 3.52 1.41 -19.37
C GLY A 149 2.89 2.38 -20.34
N GLY A 150 3.50 2.49 -21.53
CA GLY A 150 3.10 3.44 -22.57
C GLY A 150 3.67 4.83 -22.32
N TYR A 151 4.59 4.95 -21.37
CA TYR A 151 5.14 6.25 -20.99
C TYR A 151 5.85 6.96 -22.13
N ALA A 152 5.68 8.27 -22.17
CA ALA A 152 6.45 9.12 -23.11
C ALA A 152 7.60 9.81 -22.40
N GLY A 153 7.31 10.40 -21.25
CA GLY A 153 8.25 11.17 -20.47
C GLY A 153 8.28 12.64 -20.79
N ASP A 154 8.76 13.43 -19.82
CA ASP A 154 8.98 14.84 -19.99
C ASP A 154 7.67 15.53 -20.41
N ALA A 155 7.75 16.56 -21.24
CA ALA A 155 6.57 17.36 -21.59
C ALA A 155 5.51 16.52 -22.33
N ALA A 156 5.94 15.47 -23.04
CA ALA A 156 5.02 14.61 -23.79
C ALA A 156 4.05 13.88 -22.85
N GLU A 157 4.40 13.73 -21.56
CA GLU A 157 3.43 13.21 -20.61
C GLU A 157 2.19 14.06 -20.50
N TYR A 158 2.30 15.38 -20.67
CA TYR A 158 1.13 16.25 -20.59
C TYR A 158 0.14 16.00 -21.73
N ALA A 159 0.64 15.58 -22.88
CA ALA A 159 -0.25 15.17 -23.98
C ALA A 159 -1.07 13.94 -23.59
N ARG A 160 -0.41 12.96 -22.97
CA ARG A 160 -1.11 11.77 -22.48
C ARG A 160 -2.13 12.16 -21.39
N LEU A 161 -1.71 12.99 -20.43
CA LEU A 161 -2.59 13.45 -19.36
C LEU A 161 -3.82 14.19 -19.96
N ALA A 162 -3.56 15.09 -20.92
CA ALA A 162 -4.60 15.90 -21.56
C ALA A 162 -5.65 14.98 -22.20
N SER A 163 -5.20 13.92 -22.86
CA SER A 163 -6.08 12.93 -23.49
C SER A 163 -6.86 12.13 -22.46
N ALA A 164 -6.15 11.65 -21.44
CA ALA A 164 -6.84 11.00 -20.33
C ALA A 164 -7.87 11.90 -19.64
N SER A 165 -7.55 13.17 -19.51
CA SER A 165 -8.42 14.12 -18.83
C SER A 165 -9.78 14.27 -19.54
N GLN A 166 -9.77 14.08 -20.86
CA GLN A 166 -11.01 14.13 -21.66
C GLN A 166 -11.88 12.89 -21.45
N ILE A 167 -11.32 11.83 -20.90
CA ILE A 167 -12.11 10.67 -20.44
C ILE A 167 -12.71 10.93 -19.04
N SER A 168 -11.87 11.37 -18.12
CA SER A 168 -12.31 11.80 -16.82
C SER A 168 -11.20 12.61 -16.16
N GLY A 169 -11.48 13.88 -15.89
CA GLY A 169 -10.49 14.83 -15.38
C GLY A 169 -9.94 14.44 -14.04
N ALA A 170 -10.83 14.11 -13.10
CA ALA A 170 -10.40 13.71 -11.76
C ALA A 170 -9.61 12.43 -11.78
N CYS A 171 -10.11 11.42 -12.50
CA CYS A 171 -9.43 10.13 -12.59
C CYS A 171 -8.03 10.23 -13.18
N ALA A 172 -7.92 11.03 -14.24
CA ALA A 172 -6.62 11.19 -14.91
C ALA A 172 -5.58 11.80 -13.97
N LEU A 173 -5.97 12.81 -13.18
CA LEU A 173 -5.05 13.46 -12.22
C LEU A 173 -4.69 12.48 -11.13
N GLU A 174 -5.67 11.70 -10.67
CA GLU A 174 -5.42 10.62 -9.70
C GLU A 174 -4.45 9.53 -10.18
N ALA A 175 -4.44 9.25 -11.49
CA ALA A 175 -3.61 8.27 -12.13
C ALA A 175 -2.27 8.86 -12.59
N THR A 176 -1.90 10.03 -12.09
CA THR A 176 -0.65 10.66 -12.47
C THR A 176 0.20 10.88 -11.22
N SER A 177 1.51 10.70 -11.34
CA SER A 177 2.44 11.11 -10.26
C SER A 177 2.98 12.50 -10.46
N TRP A 178 3.16 13.24 -9.37
CA TRP A 178 3.43 14.68 -9.45
C TRP A 178 4.64 15.10 -8.69
N GLY A 179 5.43 15.95 -9.34
CA GLY A 179 6.49 16.69 -8.69
C GLY A 179 7.72 15.86 -8.38
N ALA A 180 8.60 16.49 -7.59
CA ALA A 180 9.95 16.01 -7.33
C ALA A 180 9.94 14.63 -6.70
N PHE A 181 8.89 14.31 -5.91
CA PHE A 181 8.76 12.98 -5.29
C PHE A 181 7.75 12.05 -5.93
N GLN A 182 7.17 12.47 -7.06
CA GLN A 182 6.30 11.64 -7.85
C GLN A 182 5.20 10.97 -7.01
N ILE A 183 4.49 11.80 -6.27
CA ILE A 183 3.38 11.33 -5.45
C ILE A 183 2.17 11.12 -6.35
N MET A 184 1.57 9.93 -6.29
CA MET A 184 0.36 9.66 -7.04
C MET A 184 -0.80 10.52 -6.59
N GLY A 185 -1.51 11.09 -7.56
CA GLY A 185 -2.62 11.94 -7.29
C GLY A 185 -3.75 11.25 -6.48
N PHE A 186 -3.89 9.94 -6.62
CA PHE A 186 -4.95 9.24 -5.90
C PHE A 186 -4.80 9.27 -4.37
N HIS A 187 -3.62 9.65 -3.89
CA HIS A 187 -3.42 9.87 -2.45
C HIS A 187 -4.03 11.16 -1.91
N TRP A 188 -4.58 12.04 -2.77
CA TRP A 188 -5.00 13.39 -2.31
C TRP A 188 -5.86 13.36 -1.04
N LYS A 189 -6.79 12.41 -1.01
CA LYS A 189 -7.74 12.29 0.10
C LYS A 189 -7.07 11.80 1.38
N ALA A 190 -6.33 10.72 1.27
CA ALA A 190 -5.51 10.18 2.35
C ALA A 190 -4.57 11.19 2.95
N LEU A 191 -4.06 12.11 2.11
CA LEU A 191 -3.10 13.10 2.55
C LEU A 191 -3.73 14.43 2.97
N GLY A 192 -5.04 14.49 3.03
CA GLY A 192 -5.71 15.62 3.60
C GLY A 192 -5.87 16.83 2.72
N TYR A 193 -5.78 16.65 1.41
CA TYR A 193 -6.04 17.73 0.49
C TYR A 193 -7.56 17.83 0.24
N PRO A 194 -8.06 19.03 -0.12
CA PRO A 194 -9.51 19.21 -0.29
C PRO A 194 -10.13 18.33 -1.39
N ASP A 195 -9.41 18.20 -2.51
CA ASP A 195 -9.82 17.39 -3.69
C ASP A 195 -8.56 17.21 -4.56
N VAL A 196 -8.66 16.43 -5.62
CA VAL A 196 -7.49 16.16 -6.49
C VAL A 196 -7.04 17.44 -7.21
N PHE A 197 -7.97 18.33 -7.55
CA PHE A 197 -7.62 19.57 -8.23
C PHE A 197 -6.80 20.49 -7.36
N ALA A 198 -7.12 20.55 -6.07
CA ALA A 198 -6.35 21.35 -5.13
C ALA A 198 -4.95 20.76 -4.92
N PHE A 199 -4.87 19.43 -4.89
CA PHE A 199 -3.59 18.75 -4.80
C PHE A 199 -2.68 19.14 -5.99
N VAL A 200 -3.25 19.02 -7.17
CA VAL A 200 -2.50 19.35 -8.38
C VAL A 200 -2.11 20.82 -8.41
N ASP A 201 -3.03 21.72 -8.05
CA ASP A 201 -2.71 23.14 -7.94
C ASP A 201 -1.52 23.37 -7.03
N ALA A 202 -1.46 22.64 -5.90
CA ALA A 202 -0.33 22.79 -4.99
C ALA A 202 0.96 22.32 -5.66
N MET A 203 0.88 21.20 -6.37
CA MET A 203 2.05 20.66 -7.06
C MET A 203 2.60 21.66 -8.07
N LYS A 204 1.72 22.46 -8.65
CA LYS A 204 2.14 23.49 -9.63
C LYS A 204 2.80 24.73 -9.03
N VAL A 205 2.68 24.96 -7.72
CA VAL A 205 3.16 26.16 -7.07
C VAL A 205 4.65 26.12 -6.84
N SER A 206 5.16 25.06 -6.22
CA SER A 206 6.57 25.07 -5.83
C SER A 206 7.04 23.68 -5.45
N GLU A 207 8.36 23.53 -5.42
CA GLU A 207 8.96 22.27 -4.95
C GLU A 207 8.66 22.06 -3.47
N ALA A 208 8.57 23.15 -2.72
CA ALA A 208 8.17 23.05 -1.31
C ALA A 208 6.81 22.33 -1.14
N GLU A 209 5.83 22.66 -2.00
CA GLU A 209 4.56 21.98 -1.96
C GLU A 209 4.70 20.52 -2.35
N GLN A 210 5.58 20.25 -3.29
CA GLN A 210 5.83 18.88 -3.75
C GLN A 210 6.46 18.05 -2.63
N LEU A 211 7.39 18.65 -1.91
CA LEU A 211 7.98 18.02 -0.70
C LEU A 211 6.92 17.82 0.38
N GLU A 212 6.00 18.78 0.54
CA GLU A 212 4.92 18.67 1.53
C GLU A 212 4.08 17.44 1.24
N ALA A 213 3.82 17.17 -0.05
CA ALA A 213 3.12 15.96 -0.43
C ALA A 213 3.86 14.72 0.00
N PHE A 214 5.15 14.72 -0.22
CA PHE A 214 5.99 13.61 0.25
C PHE A 214 5.90 13.44 1.77
N VAL A 215 6.02 14.55 2.49
CA VAL A 215 5.93 14.50 3.96
C VAL A 215 4.60 13.89 4.37
N ARG A 216 3.50 14.38 3.79
CA ARG A 216 2.19 13.81 4.12
C ARG A 216 2.08 12.33 3.77
N PHE A 217 2.66 11.94 2.63
CA PHE A 217 2.65 10.58 2.15
C PHE A 217 3.32 9.66 3.15
N VAL A 218 4.45 10.10 3.65
CA VAL A 218 5.21 9.32 4.64
C VAL A 218 4.44 9.27 5.96
N LEU A 219 3.91 10.42 6.38
CA LEU A 219 3.11 10.48 7.61
C LEU A 219 1.91 9.54 7.58
N ALA A 220 1.35 9.33 6.39
CA ALA A 220 0.20 8.45 6.21
C ALA A 220 0.52 6.96 6.27
N ASP A 221 1.79 6.60 6.23
CA ASP A 221 2.23 5.21 6.33
C ASP A 221 3.15 5.06 7.54
N LYS A 222 2.57 4.65 8.66
CA LYS A 222 3.32 4.61 9.90
C LYS A 222 4.48 3.65 9.87
N VAL A 223 4.38 2.59 9.09
CA VAL A 223 5.48 1.61 8.98
C VAL A 223 6.63 2.24 8.21
N MET A 224 6.29 2.88 7.10
CA MET A 224 7.31 3.66 6.36
C MET A 224 7.95 4.79 7.16
N LEU A 225 7.13 5.55 7.89
CA LEU A 225 7.59 6.59 8.75
C LEU A 225 8.57 6.07 9.79
N ALA A 226 8.20 4.93 10.38
CA ALA A 226 9.07 4.36 11.43
C ALA A 226 10.37 3.90 10.83
N ALA A 227 10.34 3.38 9.60
CA ALA A 227 11.54 2.91 8.93
C ALA A 227 12.47 4.08 8.69
N LEU A 228 11.90 5.21 8.24
CA LEU A 228 12.67 6.39 8.02
C LEU A 228 13.25 6.95 9.31
N ARG A 229 12.43 7.04 10.34
CA ARG A 229 12.87 7.58 11.61
C ARG A 229 14.03 6.78 12.16
N SER A 230 13.98 5.47 11.99
CA SER A 230 14.95 4.54 12.60
C SER A 230 16.12 4.25 11.60
N LYS A 231 16.14 4.98 10.48
CA LYS A 231 17.18 4.86 9.46
C LYS A 231 17.33 3.45 8.95
N LYS A 232 16.22 2.76 8.79
CA LYS A 232 16.21 1.40 8.25
C LYS A 232 16.10 1.57 6.73
N TRP A 233 17.24 1.77 6.11
CA TRP A 233 17.23 2.26 4.70
C TRP A 233 16.74 1.27 3.71
N ALA A 234 17.09 -0.01 3.91
CA ALA A 234 16.62 -1.03 2.97
C ALA A 234 15.12 -1.19 3.11
N LYS A 235 14.62 -1.19 4.35
CA LYS A 235 13.18 -1.29 4.57
C LYS A 235 12.44 -0.07 4.00
N PHE A 236 12.95 1.12 4.26
CA PHE A 236 12.34 2.32 3.71
C PHE A 236 12.33 2.24 2.18
N ALA A 237 13.46 1.87 1.59
CA ALA A 237 13.56 1.81 0.15
C ALA A 237 12.61 0.77 -0.41
N GLU A 238 12.49 -0.39 0.24
CA GLU A 238 11.56 -1.41 -0.25
C GLU A 238 10.11 -0.91 -0.23
N LEU A 239 9.76 -0.21 0.86
CA LEU A 239 8.39 0.30 1.02
C LEU A 239 8.13 1.45 0.05
N TYR A 240 9.12 2.32 -0.13
CA TYR A 240 8.95 3.53 -0.92
C TYR A 240 9.17 3.29 -2.40
N ASN A 241 10.28 2.65 -2.76
CA ASN A 241 10.65 2.40 -4.16
C ASN A 241 10.08 1.10 -4.71
N GLY A 242 9.74 0.15 -3.84
CA GLY A 242 9.13 -1.10 -4.25
C GLY A 242 10.15 -2.23 -4.29
N LYS A 243 9.70 -3.37 -4.78
CA LYS A 243 10.46 -4.63 -4.67
C LYS A 243 11.82 -4.60 -5.39
N ALA A 244 11.94 -3.77 -6.42
CA ALA A 244 13.17 -3.64 -7.21
C ALA A 244 14.11 -2.55 -6.69
N TYR A 245 13.90 -2.07 -5.46
CA TYR A 245 14.77 -1.06 -4.84
C TYR A 245 16.29 -1.35 -4.93
N ALA A 246 16.67 -2.61 -4.78
CA ALA A 246 18.09 -2.96 -4.70
C ALA A 246 18.79 -2.81 -6.06
N GLU A 247 18.05 -3.00 -7.14
CA GLU A 247 18.62 -2.96 -8.49
C GLU A 247 19.13 -1.56 -8.80
N ASN A 248 18.50 -0.54 -8.22
CA ASN A 248 18.97 0.83 -8.41
C ASN A 248 19.73 1.39 -7.20
N LEU A 249 20.11 0.52 -6.27
CA LEU A 249 20.95 0.90 -5.14
C LEU A 249 20.31 1.93 -4.20
N TYR A 250 18.97 2.03 -4.19
CA TYR A 250 18.34 3.03 -3.32
C TYR A 250 18.74 2.89 -1.85
N ASP A 251 18.72 1.65 -1.39
CA ASP A 251 19.04 1.35 0.00
C ASP A 251 20.41 1.86 0.40
N VAL A 252 21.43 1.49 -0.39
CA VAL A 252 22.76 1.87 -0.06
C VAL A 252 23.05 3.31 -0.36
N LYS A 253 22.44 3.88 -1.41
CA LYS A 253 22.57 5.30 -1.62
C LYS A 253 22.04 6.13 -0.48
N LEU A 254 20.89 5.73 0.08
CA LEU A 254 20.33 6.40 1.23
C LEU A 254 21.29 6.29 2.42
N GLU A 255 21.74 5.09 2.66
CA GLU A 255 22.67 4.80 3.81
C GLU A 255 23.91 5.65 3.74
N ARG A 256 24.55 5.63 2.58
CA ARG A 256 25.78 6.40 2.41
C ARG A 256 25.60 7.91 2.34
N ALA A 257 24.47 8.39 1.80
CA ALA A 257 24.13 9.79 1.88
C ALA A 257 23.93 10.28 3.31
N PHE A 258 23.19 9.48 4.08
CA PHE A 258 22.93 9.77 5.48
C PHE A 258 24.24 9.87 6.27
N ASP A 259 25.15 8.94 6.03
CA ASP A 259 26.48 9.00 6.69
C ASP A 259 27.16 10.31 6.32
N ARG A 260 27.15 10.69 5.04
CA ARG A 260 27.74 11.98 4.61
C ARG A 260 27.17 13.19 5.33
N TYR A 261 25.84 13.25 5.39
CA TYR A 261 25.17 14.36 6.03
C TYR A 261 25.33 14.39 7.54
N SER A 262 25.36 13.22 8.15
CA SER A 262 25.63 13.08 9.58
C SER A 262 27.00 13.62 9.93
N ARG A 263 27.99 13.24 9.12
CA ARG A 263 29.36 13.78 9.24
C ARG A 263 29.44 15.29 9.01
N ALA A 264 28.82 15.79 7.94
CA ALA A 264 28.83 17.22 7.61
C ALA A 264 28.26 18.08 8.75
N ALA A 265 27.11 17.68 9.28
CA ALA A 265 26.48 18.36 10.43
C ALA A 265 27.35 18.37 11.70
N ALA A 266 28.17 17.33 11.93
CA ALA A 266 29.06 17.29 13.10
C ALA A 266 30.17 18.33 12.99
N LYS B 3 -21.56 -25.63 20.62
CA LYS B 3 -21.76 -24.20 20.24
C LYS B 3 -20.47 -23.42 20.38
N THR B 4 -20.31 -22.40 19.56
CA THR B 4 -19.16 -21.49 19.65
C THR B 4 -19.20 -20.67 20.93
N LEU B 5 -18.08 -20.65 21.67
CA LEU B 5 -17.98 -19.92 22.93
C LEU B 5 -16.90 -18.88 22.87
N ARG B 6 -17.16 -17.76 23.54
CA ARG B 6 -16.25 -16.63 23.53
C ARG B 6 -16.32 -15.88 24.84
N LEU B 7 -15.36 -14.97 25.00
CA LEU B 7 -15.28 -14.13 26.19
C LEU B 7 -16.64 -13.59 26.60
N GLY B 8 -17.01 -13.81 27.86
CA GLY B 8 -18.26 -13.34 28.41
C GLY B 8 -19.34 -14.40 28.49
N ASP B 9 -19.18 -15.49 27.75
CA ASP B 9 -20.12 -16.60 27.86
C ASP B 9 -20.05 -17.23 29.24
N ARG B 10 -21.18 -17.77 29.68
CA ARG B 10 -21.29 -18.42 31.01
C ARG B 10 -22.15 -19.65 30.89
N GLY B 11 -21.85 -20.67 31.68
CA GLY B 11 -22.80 -21.80 31.78
C GLY B 11 -22.15 -23.14 31.58
N ALA B 12 -23.00 -24.17 31.50
CA ALA B 12 -22.52 -25.54 31.43
C ALA B 12 -21.58 -25.81 30.26
N ASP B 13 -21.83 -25.18 29.12
CA ASP B 13 -20.93 -25.34 27.96
C ASP B 13 -19.54 -24.78 28.26
N VAL B 14 -19.46 -23.72 29.06
CA VAL B 14 -18.16 -23.14 29.43
C VAL B 14 -17.41 -24.05 30.40
N SER B 15 -18.10 -24.59 31.40
CA SER B 15 -17.38 -25.46 32.33
C SER B 15 -16.90 -26.71 31.61
N TYR B 16 -17.67 -27.21 30.64
CA TYR B 16 -17.24 -28.32 29.79
C TYR B 16 -15.97 -27.93 29.02
N LEU B 17 -15.98 -26.75 28.40
CA LEU B 17 -14.75 -26.28 27.74
C LEU B 17 -13.56 -26.23 28.69
N GLN B 18 -13.76 -25.67 29.87
CA GLN B 18 -12.69 -25.51 30.85
C GLN B 18 -12.10 -26.88 31.21
N ARG B 19 -12.97 -27.86 31.44
CA ARG B 19 -12.50 -29.23 31.70
C ARG B 19 -11.65 -29.81 30.57
N GLN B 20 -12.08 -29.59 29.33
CA GLN B 20 -11.36 -30.08 28.15
C GLN B 20 -10.01 -29.38 28.04
N LEU B 21 -9.98 -28.07 28.28
CA LEU B 21 -8.71 -27.33 28.25
C LEU B 21 -7.75 -27.84 29.34
N ILE B 22 -8.28 -28.13 30.54
CA ILE B 22 -7.47 -28.70 31.63
C ILE B 22 -6.93 -30.08 31.24
N ALA B 23 -7.78 -30.91 30.62
CA ALA B 23 -7.34 -32.21 30.08
C ALA B 23 -6.21 -32.08 29.05
N ALA B 24 -6.23 -30.99 28.26
CA ALA B 24 -5.14 -30.65 27.32
C ALA B 24 -3.94 -29.90 27.94
N GLY B 25 -3.91 -29.74 29.26
CA GLY B 25 -2.78 -29.12 29.97
C GLY B 25 -2.98 -27.78 30.64
N ALA B 26 -4.16 -27.15 30.49
CA ALA B 26 -4.40 -25.83 31.06
C ALA B 26 -4.54 -25.85 32.60
N ARG B 27 -4.29 -24.71 33.23
CA ARG B 27 -4.60 -24.53 34.65
C ARG B 27 -5.70 -23.48 34.79
N LEU B 28 -6.91 -23.94 35.14
CA LEU B 28 -8.09 -23.08 35.20
C LEU B 28 -9.00 -23.46 36.35
N ASP B 29 -9.65 -22.46 36.94
CA ASP B 29 -10.78 -22.70 37.84
C ASP B 29 -11.98 -23.08 36.98
N ILE B 30 -12.65 -24.18 37.34
CA ILE B 30 -13.81 -24.61 36.58
C ILE B 30 -15.00 -23.91 37.20
N ASP B 31 -15.24 -22.69 36.74
CA ASP B 31 -16.28 -21.83 37.29
C ASP B 31 -17.38 -21.50 36.29
N ALA B 32 -17.33 -22.04 35.07
CA ALA B 32 -18.35 -21.82 34.06
C ALA B 32 -18.40 -20.36 33.57
N ILE B 33 -17.29 -19.62 33.75
CA ILE B 33 -17.18 -18.21 33.29
C ILE B 33 -16.03 -18.11 32.25
N TYR B 34 -16.38 -17.73 31.02
CA TYR B 34 -15.38 -17.59 29.95
C TYR B 34 -14.81 -16.19 30.11
N GLY B 35 -13.83 -16.06 30.99
CA GLY B 35 -13.17 -14.79 31.23
C GLY B 35 -11.80 -14.80 30.58
N SER B 36 -10.96 -13.85 31.01
CA SER B 36 -9.66 -13.67 30.40
C SER B 36 -8.71 -14.86 30.58
N ALA B 37 -8.77 -15.53 31.71
CA ALA B 37 -7.99 -16.73 31.91
C ALA B 37 -8.41 -17.86 30.96
N THR B 38 -9.72 -18.05 30.81
CA THR B 38 -10.23 -19.08 29.89
C THR B 38 -9.87 -18.73 28.44
N ARG B 39 -10.05 -17.47 28.06
CA ARG B 39 -9.65 -17.01 26.73
C ARG B 39 -8.17 -17.25 26.45
N ASP B 40 -7.32 -16.86 27.40
CA ASP B 40 -5.87 -17.11 27.31
C ASP B 40 -5.55 -18.58 27.13
N ALA B 41 -6.28 -19.44 27.87
CA ALA B 41 -6.10 -20.87 27.72
C ALA B 41 -6.50 -21.38 26.35
N VAL B 42 -7.61 -20.87 25.81
CA VAL B 42 -8.02 -21.21 24.46
C VAL B 42 -6.93 -20.76 23.49
N MET B 43 -6.45 -19.53 23.65
CA MET B 43 -5.38 -19.03 22.78
C MET B 43 -4.14 -19.90 22.83
N ALA B 44 -3.71 -20.27 24.05
CA ALA B 44 -2.53 -21.12 24.22
C ALA B 44 -2.74 -22.49 23.60
N PHE B 45 -3.92 -23.06 23.79
CA PHE B 45 -4.27 -24.29 23.13
C PHE B 45 -4.24 -24.19 21.60
N GLN B 46 -4.83 -23.14 21.07
CA GLN B 46 -4.89 -22.96 19.62
C GLN B 46 -3.48 -22.82 19.02
N ALA B 47 -2.66 -22.00 19.67
CA ALA B 47 -1.32 -21.70 19.15
C ALA B 47 -0.49 -22.95 19.09
N THR B 48 -0.59 -23.79 20.11
CA THR B 48 0.22 -25.01 20.21
C THR B 48 -0.33 -26.21 19.42
N HIS B 49 -1.56 -26.14 18.93
CA HIS B 49 -2.17 -27.20 18.10
C HIS B 49 -2.58 -26.80 16.68
N GLY B 50 -1.88 -25.83 16.11
CA GLY B 50 -2.05 -25.52 14.69
C GLY B 50 -3.36 -24.84 14.30
N LEU B 51 -3.94 -24.13 15.26
CA LEU B 51 -5.12 -23.34 15.01
C LEU B 51 -4.77 -21.86 15.02
N VAL B 52 -5.67 -21.05 14.50
CA VAL B 52 -5.53 -19.60 14.65
C VAL B 52 -5.81 -19.27 16.10
N ALA B 53 -4.87 -18.58 16.73
CA ALA B 53 -5.01 -18.21 18.14
C ALA B 53 -5.83 -16.95 18.24
N ASP B 54 -7.15 -17.10 18.25
CA ASP B 54 -8.07 -15.98 18.42
C ASP B 54 -8.81 -15.97 19.78
N GLY B 55 -8.67 -17.03 20.56
CA GLY B 55 -9.33 -17.11 21.83
C GLY B 55 -10.81 -17.38 21.77
N ILE B 56 -11.31 -17.79 20.60
CA ILE B 56 -12.71 -18.09 20.39
C ILE B 56 -12.78 -19.61 20.21
N ALA B 57 -13.55 -20.28 21.07
CA ALA B 57 -13.75 -21.71 20.94
C ALA B 57 -14.87 -21.99 19.93
N GLY B 58 -14.49 -22.04 18.65
CA GLY B 58 -15.42 -22.29 17.57
C GLY B 58 -15.29 -23.73 17.09
N PRO B 59 -15.89 -24.04 15.94
CA PRO B 59 -15.95 -25.44 15.48
C PRO B 59 -14.57 -26.06 15.22
N LYS B 60 -13.61 -25.27 14.75
CA LYS B 60 -12.27 -25.79 14.52
C LYS B 60 -11.57 -26.13 15.80
N THR B 61 -11.66 -25.24 16.80
CA THR B 61 -11.07 -25.50 18.10
C THR B 61 -11.72 -26.73 18.78
N TRP B 62 -13.04 -26.76 18.76
CA TRP B 62 -13.76 -27.93 19.32
C TRP B 62 -13.36 -29.25 18.68
N SER B 63 -13.24 -29.25 17.35
CA SER B 63 -12.83 -30.45 16.64
C SER B 63 -11.45 -30.93 17.06
N THR B 64 -10.48 -30.03 17.18
CA THR B 64 -9.14 -30.42 17.60
C THR B 64 -9.11 -30.76 19.11
N LEU B 65 -9.84 -30.02 19.94
CA LEU B 65 -9.86 -30.16 21.41
C LEU B 65 -10.52 -31.48 21.79
N SER B 66 -11.53 -31.90 21.04
CA SER B 66 -12.33 -33.10 21.35
C SER B 66 -11.87 -34.37 20.62
N ALA B 67 -11.26 -34.22 19.44
CA ALA B 67 -10.88 -35.37 18.61
C ALA B 67 -9.46 -35.36 18.02
N GLY B 68 -8.65 -34.34 18.31
CA GLY B 68 -7.31 -34.23 17.75
C GLY B 68 -7.18 -34.12 16.24
N ARG B 69 -8.26 -33.73 15.55
CA ARG B 69 -8.37 -33.78 14.07
C ARG B 69 -7.95 -32.49 13.28
N ARG B 70 -6.74 -32.45 12.72
CA ARG B 70 -6.24 -31.23 12.03
C ARG B 70 -6.52 -31.26 10.53
N ASP B 71 -7.08 -30.16 10.00
CA ASP B 71 -7.36 -30.01 8.58
C ASP B 71 -6.29 -29.11 7.91
N PRO B 72 -5.58 -29.64 6.89
CA PRO B 72 -4.57 -28.81 6.21
C PRO B 72 -5.16 -27.64 5.42
N ARG B 73 -6.47 -27.69 5.15
CA ARG B 73 -7.12 -26.55 4.50
C ARG B 73 -7.29 -25.32 5.40
N HIS B 74 -7.18 -25.50 6.71
CA HIS B 74 -7.46 -24.40 7.64
C HIS B 74 -6.28 -23.52 7.88
N LEU B 75 -6.57 -22.24 8.05
CA LEU B 75 -5.56 -21.25 8.33
C LEU B 75 -4.92 -21.54 9.69
N THR B 76 -3.63 -21.23 9.81
CA THR B 76 -2.86 -21.37 11.03
C THR B 76 -2.28 -20.01 11.42
N ASP B 77 -1.79 -19.90 12.65
CA ASP B 77 -1.10 -18.69 13.12
C ASP B 77 0.03 -18.29 12.19
N ALA B 78 0.76 -19.30 11.71
CA ALA B 78 1.89 -19.07 10.80
C ALA B 78 1.47 -18.42 9.49
N ASP B 79 0.28 -18.73 8.99
CA ASP B 79 -0.21 -18.05 7.79
C ASP B 79 -0.46 -16.60 8.03
N LEU B 80 -0.93 -16.25 9.23
CA LEU B 80 -1.17 -14.86 9.56
C LEU B 80 0.16 -14.11 9.68
N GLN B 81 1.18 -14.76 10.27
CA GLN B 81 2.51 -14.16 10.28
C GLN B 81 3.01 -13.90 8.86
N ARG B 82 2.86 -14.87 7.96
CA ARG B 82 3.25 -14.66 6.57
C ARG B 82 2.55 -13.50 5.92
N ALA B 83 1.24 -13.40 6.17
CA ALA B 83 0.49 -12.28 5.65
C ALA B 83 0.99 -10.93 6.21
N ALA B 84 1.34 -10.90 7.50
CA ALA B 84 1.91 -9.70 8.11
C ALA B 84 3.22 -9.30 7.41
N ASP B 85 4.04 -10.30 7.12
CA ASP B 85 5.29 -10.08 6.39
C ASP B 85 5.05 -9.59 4.99
N ARG B 86 4.10 -10.19 4.29
N ARG B 86 4.09 -10.19 4.29
CA ARG B 86 3.77 -9.74 2.94
CA ARG B 86 3.72 -9.79 2.93
C ARG B 86 3.26 -8.30 2.88
C ARG B 86 3.26 -8.33 2.87
N LEU B 87 2.48 -7.93 3.87
CA LEU B 87 1.86 -6.60 3.92
C LEU B 87 2.75 -5.56 4.58
N GLN B 88 3.73 -6.00 5.36
CA GLN B 88 4.48 -5.13 6.26
C GLN B 88 3.55 -4.37 7.21
N VAL B 89 2.68 -5.15 7.84
CA VAL B 89 1.72 -4.67 8.80
C VAL B 89 1.97 -5.46 10.10
N ASP B 90 1.76 -4.79 11.22
CA ASP B 90 1.88 -5.36 12.53
C ASP B 90 1.06 -6.66 12.58
N LEU B 91 1.63 -7.72 13.14
CA LEU B 91 0.92 -9.00 13.20
C LEU B 91 -0.44 -8.86 13.91
N ALA B 92 -0.48 -8.11 15.00
CA ALA B 92 -1.72 -7.89 15.71
C ALA B 92 -2.83 -7.25 14.85
N ALA B 93 -2.42 -6.37 13.92
CA ALA B 93 -3.34 -5.78 12.96
C ALA B 93 -3.88 -6.83 11.97
N VAL B 94 -3.03 -7.74 11.49
CA VAL B 94 -3.45 -8.81 10.62
C VAL B 94 -4.41 -9.73 11.38
N ARG B 95 -4.07 -10.04 12.62
CA ARG B 95 -4.95 -10.92 13.41
C ARG B 95 -6.31 -10.27 13.58
N ALA B 96 -6.34 -8.96 13.80
CA ALA B 96 -7.57 -8.24 13.97
C ALA B 96 -8.36 -8.25 12.68
N VAL B 97 -7.70 -8.00 11.54
CA VAL B 97 -8.41 -8.03 10.25
C VAL B 97 -8.96 -9.41 9.96
N ASN B 98 -8.17 -10.46 10.24
CA ASN B 98 -8.62 -11.82 10.04
C ASN B 98 -9.85 -12.13 10.90
N GLU B 99 -9.82 -11.73 12.17
CA GLU B 99 -10.95 -12.00 13.05
C GLU B 99 -12.21 -11.30 12.59
N VAL B 100 -12.10 -10.03 12.20
CA VAL B 100 -13.28 -9.21 11.93
C VAL B 100 -13.78 -9.38 10.50
N GLU B 101 -12.86 -9.47 9.54
CA GLU B 101 -13.20 -9.41 8.11
C GLU B 101 -13.37 -10.78 7.44
N SER B 102 -12.79 -11.82 8.00
CA SER B 102 -12.96 -13.17 7.47
C SER B 102 -14.33 -13.76 7.80
N LYS B 103 -14.85 -14.60 6.90
CA LYS B 103 -16.02 -15.41 7.21
C LYS B 103 -15.71 -16.47 8.26
N GLY B 104 -14.42 -16.75 8.47
CA GLY B 104 -13.97 -17.76 9.40
C GLY B 104 -13.64 -19.00 8.61
N ALA B 105 -14.64 -19.89 8.48
CA ALA B 105 -14.51 -21.01 7.57
C ALA B 105 -14.50 -20.53 6.14
N GLY B 106 -13.43 -20.85 5.43
CA GLY B 106 -13.33 -20.53 4.01
C GLY B 106 -13.96 -21.61 3.11
N PHE B 107 -14.32 -22.73 3.73
CA PHE B 107 -14.95 -23.84 3.00
C PHE B 107 -16.26 -24.23 3.64
N LEU B 108 -17.16 -24.68 2.78
CA LEU B 108 -18.41 -25.26 3.19
C LEU B 108 -18.12 -26.60 3.82
N PRO B 109 -19.08 -27.14 4.59
CA PRO B 109 -18.89 -28.49 5.13
C PRO B 109 -18.57 -29.55 4.06
N ASP B 110 -19.14 -29.40 2.86
CA ASP B 110 -18.90 -30.34 1.75
C ASP B 110 -17.50 -30.25 1.12
N GLY B 111 -16.73 -29.21 1.47
CA GLY B 111 -15.32 -29.11 1.10
C GLY B 111 -15.04 -28.11 -0.01
N ARG B 112 -16.08 -27.56 -0.65
CA ARG B 112 -15.89 -26.54 -1.65
C ARG B 112 -15.75 -25.17 -0.99
N PRO B 113 -15.07 -24.23 -1.65
CA PRO B 113 -14.94 -22.89 -1.00
C PRO B 113 -16.30 -22.18 -0.85
N VAL B 114 -16.41 -21.36 0.18
CA VAL B 114 -17.57 -20.51 0.36
C VAL B 114 -17.62 -19.53 -0.78
N ILE B 115 -18.79 -19.39 -1.40
CA ILE B 115 -18.98 -18.51 -2.53
C ILE B 115 -20.26 -17.71 -2.44
N LEU B 116 -20.29 -16.64 -3.19
CA LEU B 116 -21.52 -15.91 -3.46
C LEU B 116 -21.46 -15.45 -4.88
N TYR B 117 -22.44 -15.90 -5.66
CA TYR B 117 -22.54 -15.54 -7.05
C TYR B 117 -23.30 -14.22 -7.20
N GLU B 118 -22.77 -13.31 -8.02
CA GLU B 118 -23.27 -11.95 -8.18
C GLU B 118 -23.78 -11.75 -9.61
N ARG B 119 -25.11 -11.90 -9.77
CA ARG B 119 -25.76 -11.79 -11.08
C ARG B 119 -25.56 -10.44 -11.78
N HIS B 120 -25.44 -9.37 -11.03
CA HIS B 120 -25.17 -8.05 -11.60
C HIS B 120 -23.75 -7.91 -12.14
N ILE B 121 -22.81 -8.62 -11.53
CA ILE B 121 -21.45 -8.67 -12.05
C ILE B 121 -21.40 -9.62 -13.25
N MET B 122 -22.17 -10.70 -13.22
CA MET B 122 -22.29 -11.54 -14.43
C MET B 122 -22.78 -10.72 -15.61
N TYR B 123 -23.87 -9.99 -15.40
CA TYR B 123 -24.38 -9.05 -16.39
C TYR B 123 -23.27 -8.19 -16.99
N ARG B 124 -22.48 -7.61 -16.10
CA ARG B 124 -21.38 -6.73 -16.47
C ARG B 124 -20.30 -7.46 -17.30
N GLN B 125 -19.93 -8.68 -16.87
CA GLN B 125 -18.85 -9.41 -17.52
C GLN B 125 -19.25 -9.95 -18.89
N LEU B 126 -20.53 -10.30 -19.03
CA LEU B 126 -21.11 -10.73 -20.31
C LEU B 126 -21.15 -9.60 -21.34
N ALA B 127 -21.59 -8.41 -20.91
CA ALA B 127 -21.58 -7.21 -21.74
C ALA B 127 -20.17 -6.91 -22.26
N ALA B 128 -19.20 -6.86 -21.35
CA ALA B 128 -17.80 -6.62 -21.70
C ALA B 128 -17.19 -7.70 -22.61
N ALA B 129 -17.69 -8.93 -22.50
CA ALA B 129 -17.23 -10.04 -23.34
C ALA B 129 -17.88 -10.08 -24.73
N GLY B 130 -18.93 -9.29 -24.96
CA GLY B 130 -19.61 -9.26 -26.27
C GLY B 130 -21.00 -9.85 -26.22
N ASP B 134 -28.49 -8.59 -21.27
CA ASP B 134 -29.79 -7.97 -21.64
C ASP B 134 -30.86 -8.99 -22.03
N ALA B 135 -30.62 -9.72 -23.13
CA ALA B 135 -31.51 -10.80 -23.56
C ALA B 135 -31.32 -12.01 -22.66
N LEU B 136 -30.08 -12.19 -22.23
CA LEU B 136 -29.73 -13.22 -21.26
C LEU B 136 -30.37 -12.89 -19.93
N ALA B 137 -30.38 -11.60 -19.59
CA ALA B 137 -31.08 -11.09 -18.40
C ALA B 137 -32.60 -11.31 -18.44
N ALA B 138 -33.20 -11.15 -19.61
CA ALA B 138 -34.62 -11.50 -19.82
C ALA B 138 -34.87 -13.01 -19.76
N LYS B 139 -34.01 -13.81 -20.37
CA LYS B 139 -34.16 -15.28 -20.36
C LYS B 139 -33.91 -15.88 -18.97
N TYR B 140 -32.94 -15.33 -18.23
CA TYR B 140 -32.46 -15.91 -16.98
C TYR B 140 -32.34 -14.84 -15.88
N PRO B 141 -33.48 -14.24 -15.47
CA PRO B 141 -33.45 -13.06 -14.58
C PRO B 141 -32.87 -13.30 -13.18
N ALA B 142 -32.96 -14.52 -12.68
CA ALA B 142 -32.39 -14.89 -11.40
C ALA B 142 -30.87 -14.95 -11.44
N LEU B 143 -30.31 -15.26 -12.61
CA LEU B 143 -28.87 -15.46 -12.81
C LEU B 143 -28.14 -14.31 -13.49
N VAL B 144 -28.84 -13.54 -14.29
CA VAL B 144 -28.23 -12.44 -15.00
C VAL B 144 -29.19 -11.30 -14.83
N ASN B 145 -28.71 -10.19 -14.29
CA ASN B 145 -29.58 -9.06 -13.93
C ASN B 145 -28.77 -7.82 -13.57
N SER B 146 -29.16 -6.63 -14.04
CA SER B 146 -28.50 -5.38 -13.62
C SER B 146 -28.78 -5.06 -12.13
N LYS B 147 -29.85 -5.64 -11.60
CA LYS B 147 -30.19 -5.60 -10.18
C LYS B 147 -29.45 -6.68 -9.39
N ARG B 148 -28.86 -6.27 -8.28
CA ARG B 148 -28.13 -7.15 -7.40
C ARG B 148 -29.10 -8.07 -6.67
N GLY B 149 -28.61 -9.23 -6.27
CA GLY B 149 -29.36 -10.17 -5.46
C GLY B 149 -29.68 -11.49 -6.10
N GLY B 150 -30.73 -12.15 -5.63
CA GLY B 150 -31.12 -13.49 -6.04
C GLY B 150 -30.35 -14.60 -5.35
N TYR B 151 -29.59 -14.23 -4.31
CA TYR B 151 -28.74 -15.16 -3.61
C TYR B 151 -29.49 -16.31 -2.95
N ALA B 152 -28.89 -17.49 -2.97
CA ALA B 152 -29.38 -18.64 -2.22
C ALA B 152 -28.60 -18.84 -0.93
N GLY B 153 -27.28 -18.76 -1.05
CA GLY B 153 -26.37 -18.95 0.08
C GLY B 153 -25.92 -20.37 0.28
N ASP B 154 -24.77 -20.51 0.95
CA ASP B 154 -24.25 -21.81 1.32
C ASP B 154 -24.05 -22.70 0.06
N ALA B 155 -24.27 -24.00 0.19
CA ALA B 155 -24.07 -24.94 -0.93
C ALA B 155 -24.94 -24.65 -2.14
N ALA B 156 -26.12 -24.06 -1.91
CA ALA B 156 -27.03 -23.75 -3.01
C ALA B 156 -26.47 -22.72 -3.98
N GLU B 157 -25.50 -21.91 -3.55
CA GLU B 157 -24.81 -21.07 -4.49
C GLU B 157 -24.17 -21.83 -5.64
N TYR B 158 -23.67 -23.03 -5.39
CA TYR B 158 -22.99 -23.80 -6.43
C TYR B 158 -23.93 -24.22 -7.54
N ALA B 159 -25.20 -24.42 -7.21
CA ALA B 159 -26.24 -24.62 -8.25
C ALA B 159 -26.40 -23.38 -9.14
N ARG B 160 -26.42 -22.20 -8.53
CA ARG B 160 -26.46 -20.95 -9.30
C ARG B 160 -25.22 -20.77 -10.17
N LEU B 161 -24.04 -21.00 -9.58
CA LEU B 161 -22.78 -20.91 -10.31
C LEU B 161 -22.78 -21.89 -11.50
N ALA B 162 -23.21 -23.12 -11.24
CA ALA B 162 -23.25 -24.19 -12.26
C ALA B 162 -24.14 -23.80 -13.43
N SER B 163 -25.28 -23.16 -13.14
CA SER B 163 -26.17 -22.60 -14.19
C SER B 163 -25.54 -21.42 -14.92
N ALA B 164 -24.99 -20.46 -14.19
CA ALA B 164 -24.28 -19.35 -14.80
C ALA B 164 -23.12 -19.84 -15.69
N SER B 165 -22.43 -20.89 -15.25
CA SER B 165 -21.27 -21.40 -15.96
C SER B 165 -21.62 -21.94 -17.35
N GLN B 166 -22.85 -22.43 -17.48
CA GLN B 166 -23.38 -22.90 -18.76
C GLN B 166 -23.69 -21.75 -19.73
N ILE B 167 -23.78 -20.53 -19.21
CA ILE B 167 -23.83 -19.33 -20.07
C ILE B 167 -22.40 -18.94 -20.50
N SER B 168 -21.50 -18.82 -19.51
CA SER B 168 -20.08 -18.53 -19.77
C SER B 168 -19.28 -18.86 -18.52
N GLY B 169 -18.39 -19.84 -18.63
CA GLY B 169 -17.62 -20.34 -17.48
C GLY B 169 -16.73 -19.30 -16.87
N ALA B 170 -15.93 -18.60 -17.69
CA ALA B 170 -15.01 -17.57 -17.20
C ALA B 170 -15.77 -16.42 -16.53
N CYS B 171 -16.83 -15.96 -17.19
CA CYS B 171 -17.62 -14.84 -16.68
C CYS B 171 -18.29 -15.18 -15.33
N ALA B 172 -18.82 -16.39 -15.23
CA ALA B 172 -19.49 -16.84 -14.01
C ALA B 172 -18.52 -16.85 -12.83
N LEU B 173 -17.29 -17.33 -13.04
CA LEU B 173 -16.28 -17.35 -11.98
C LEU B 173 -15.85 -15.96 -11.60
N GLU B 174 -15.67 -15.09 -12.58
CA GLU B 174 -15.37 -13.69 -12.36
C GLU B 174 -16.44 -12.98 -11.52
N ALA B 175 -17.69 -13.41 -11.69
CA ALA B 175 -18.85 -12.82 -11.04
C ALA B 175 -19.14 -13.48 -9.69
N THR B 176 -18.20 -14.26 -9.14
CA THR B 176 -18.42 -14.96 -7.89
C THR B 176 -17.34 -14.50 -6.91
N SER B 177 -17.72 -14.35 -5.64
CA SER B 177 -16.74 -14.07 -4.58
C SER B 177 -16.33 -15.37 -3.90
N TRP B 178 -15.04 -15.47 -3.52
CA TRP B 178 -14.47 -16.72 -3.15
C TRP B 178 -13.79 -16.66 -1.79
N GLY B 179 -14.04 -17.70 -1.01
CA GLY B 179 -13.26 -18.02 0.18
C GLY B 179 -13.58 -17.14 1.37
N ALA B 180 -12.71 -17.25 2.37
CA ALA B 180 -12.90 -16.61 3.66
C ALA B 180 -13.02 -15.10 3.54
N PHE B 181 -12.34 -14.49 2.58
CA PHE B 181 -12.35 -13.03 2.40
C PHE B 181 -13.22 -12.59 1.23
N GLN B 182 -13.95 -13.53 0.63
CA GLN B 182 -14.92 -13.22 -0.42
C GLN B 182 -14.38 -12.26 -1.47
N ILE B 183 -13.23 -12.63 -2.05
CA ILE B 183 -12.60 -11.88 -3.11
C ILE B 183 -13.31 -12.20 -4.45
N MET B 184 -13.72 -11.16 -5.17
CA MET B 184 -14.37 -11.35 -6.48
C MET B 184 -13.41 -11.92 -7.49
N GLY B 185 -13.88 -12.89 -8.24
CA GLY B 185 -13.06 -13.55 -9.24
C GLY B 185 -12.53 -12.60 -10.30
N PHE B 186 -13.27 -11.53 -10.61
CA PHE B 186 -12.80 -10.59 -11.64
C PHE B 186 -11.50 -9.86 -11.30
N HIS B 187 -11.09 -9.91 -10.03
CA HIS B 187 -9.82 -9.35 -9.62
C HIS B 187 -8.63 -10.23 -9.99
N TRP B 188 -8.85 -11.42 -10.56
CA TRP B 188 -7.73 -12.33 -10.85
C TRP B 188 -6.56 -11.65 -11.58
N LYS B 189 -6.87 -10.81 -12.55
CA LYS B 189 -5.87 -10.20 -13.40
C LYS B 189 -5.09 -9.12 -12.65
N ALA B 190 -5.83 -8.23 -12.00
CA ALA B 190 -5.27 -7.19 -11.14
C ALA B 190 -4.39 -7.75 -10.04
N LEU B 191 -4.72 -8.95 -9.55
CA LEU B 191 -3.98 -9.56 -8.45
C LEU B 191 -2.87 -10.50 -8.93
N GLY B 192 -2.61 -10.53 -10.23
CA GLY B 192 -1.47 -11.25 -10.76
C GLY B 192 -1.62 -12.75 -10.91
N TYR B 193 -2.85 -13.26 -10.99
CA TYR B 193 -3.06 -14.67 -11.27
C TYR B 193 -3.01 -14.90 -12.80
N PRO B 194 -2.68 -16.12 -13.23
CA PRO B 194 -2.54 -16.40 -14.68
C PRO B 194 -3.84 -16.23 -15.46
N ASP B 195 -4.94 -16.64 -14.84
CA ASP B 195 -6.29 -16.56 -15.43
C ASP B 195 -7.29 -16.81 -14.30
N VAL B 196 -8.58 -16.70 -14.60
CA VAL B 196 -9.60 -16.90 -13.54
C VAL B 196 -9.63 -18.33 -13.02
N PHE B 197 -9.35 -19.30 -13.88
CA PHE B 197 -9.39 -20.70 -13.50
C PHE B 197 -8.30 -21.01 -12.49
N ALA B 198 -7.12 -20.42 -12.67
CA ALA B 198 -6.00 -20.64 -11.73
C ALA B 198 -6.33 -19.97 -10.38
N PHE B 199 -6.97 -18.81 -10.44
CA PHE B 199 -7.45 -18.13 -9.22
C PHE B 199 -8.41 -19.02 -8.42
N VAL B 200 -9.42 -19.56 -9.11
CA VAL B 200 -10.39 -20.44 -8.47
C VAL B 200 -9.75 -21.70 -7.94
N ASP B 201 -8.84 -22.31 -8.71
CA ASP B 201 -8.16 -23.49 -8.25
C ASP B 201 -7.41 -23.22 -6.97
N ALA B 202 -6.81 -22.03 -6.86
CA ALA B 202 -6.15 -21.66 -5.60
C ALA B 202 -7.16 -21.52 -4.45
N MET B 203 -8.30 -20.91 -4.72
CA MET B 203 -9.36 -20.74 -3.70
C MET B 203 -9.87 -22.07 -3.20
N LYS B 204 -9.84 -23.10 -4.07
CA LYS B 204 -10.24 -24.43 -3.67
C LYS B 204 -9.26 -25.22 -2.83
N VAL B 205 -8.00 -24.79 -2.82
CA VAL B 205 -6.95 -25.54 -2.16
C VAL B 205 -6.99 -25.33 -0.66
N SER B 206 -7.00 -24.08 -0.20
CA SER B 206 -6.84 -23.87 1.24
C SER B 206 -7.22 -22.45 1.63
N GLU B 207 -7.41 -22.28 2.93
CA GLU B 207 -7.66 -20.97 3.47
C GLU B 207 -6.42 -20.08 3.34
N ALA B 208 -5.23 -20.69 3.42
CA ALA B 208 -3.99 -19.93 3.17
C ALA B 208 -4.00 -19.27 1.79
N GLU B 209 -4.47 -19.98 0.76
CA GLU B 209 -4.58 -19.39 -0.58
C GLU B 209 -5.63 -18.29 -0.63
N GLN B 210 -6.69 -18.48 0.11
CA GLN B 210 -7.75 -17.48 0.20
C GLN B 210 -7.29 -16.21 0.87
N LEU B 211 -6.48 -16.37 1.91
CA LEU B 211 -5.82 -15.25 2.57
C LEU B 211 -4.83 -14.57 1.66
N GLU B 212 -4.09 -15.34 0.87
CA GLU B 212 -3.17 -14.76 -0.12
C GLU B 212 -3.90 -13.83 -1.09
N ALA B 213 -5.10 -14.22 -1.53
CA ALA B 213 -5.90 -13.35 -2.39
C ALA B 213 -6.22 -12.01 -1.71
N PHE B 214 -6.60 -12.10 -0.43
CA PHE B 214 -6.85 -10.89 0.37
C PHE B 214 -5.58 -10.02 0.47
N VAL B 215 -4.45 -10.65 0.75
CA VAL B 215 -3.17 -9.93 0.85
C VAL B 215 -2.87 -9.19 -0.47
N ARG B 216 -3.01 -9.90 -1.59
CA ARG B 216 -2.83 -9.26 -2.89
C ARG B 216 -3.79 -8.11 -3.13
N PHE B 217 -5.04 -8.27 -2.70
CA PHE B 217 -6.06 -7.25 -2.83
C PHE B 217 -5.67 -5.98 -2.10
N VAL B 218 -5.20 -6.13 -0.86
CA VAL B 218 -4.78 -4.98 -0.08
C VAL B 218 -3.51 -4.34 -0.68
N LEU B 219 -2.55 -5.19 -1.05
CA LEU B 219 -1.31 -4.68 -1.69
C LEU B 219 -1.58 -3.87 -2.95
N ALA B 220 -2.64 -4.22 -3.67
CA ALA B 220 -3.02 -3.51 -4.91
C ALA B 220 -3.62 -2.15 -4.66
N ASP B 221 -4.07 -1.87 -3.43
CA ASP B 221 -4.70 -0.59 -3.06
C ASP B 221 -3.78 0.11 -2.07
N LYS B 222 -2.96 1.01 -2.57
CA LYS B 222 -1.93 1.62 -1.73
C LYS B 222 -2.49 2.52 -0.64
N VAL B 223 -3.65 3.11 -0.85
CA VAL B 223 -4.27 3.92 0.16
C VAL B 223 -4.76 3.04 1.31
N MET B 224 -5.45 1.98 0.93
CA MET B 224 -5.90 0.99 1.93
C MET B 224 -4.77 0.37 2.71
N LEU B 225 -3.71 0.01 1.99
CA LEU B 225 -2.53 -0.58 2.60
C LEU B 225 -1.91 0.38 3.61
N ALA B 226 -1.80 1.65 3.23
CA ALA B 226 -1.22 2.63 4.15
C ALA B 226 -2.12 2.81 5.38
N ALA B 227 -3.43 2.76 5.19
CA ALA B 227 -4.40 2.91 6.34
C ALA B 227 -4.21 1.73 7.30
N LEU B 228 -4.07 0.56 6.74
CA LEU B 228 -3.87 -0.64 7.55
C LEU B 228 -2.55 -0.58 8.29
N ARG B 229 -1.48 -0.22 7.57
CA ARG B 229 -0.19 -0.10 8.20
C ARG B 229 -0.20 0.88 9.37
N SER B 230 -1.00 1.96 9.24
CA SER B 230 -1.07 3.00 10.23
C SER B 230 -2.13 2.75 11.30
N LYS B 231 -2.79 1.60 11.23
CA LYS B 231 -3.88 1.25 12.13
C LYS B 231 -4.96 2.31 12.19
N LYS B 232 -5.30 2.85 11.02
CA LYS B 232 -6.38 3.77 10.91
C LYS B 232 -7.62 2.93 10.63
N TRP B 233 -8.23 2.43 11.72
CA TRP B 233 -9.26 1.42 11.60
C TRP B 233 -10.52 1.91 10.92
N ALA B 234 -10.95 3.12 11.24
CA ALA B 234 -12.16 3.65 10.61
C ALA B 234 -11.93 3.88 9.11
N LYS B 235 -10.79 4.45 8.79
CA LYS B 235 -10.44 4.62 7.36
C LYS B 235 -10.33 3.28 6.63
N PHE B 236 -9.63 2.32 7.22
CA PHE B 236 -9.51 1.01 6.59
C PHE B 236 -10.89 0.41 6.38
N ALA B 237 -11.74 0.48 7.40
CA ALA B 237 -13.04 -0.10 7.31
C ALA B 237 -13.86 0.63 6.23
N GLU B 238 -13.76 1.95 6.17
CA GLU B 238 -14.50 2.71 5.14
C GLU B 238 -14.07 2.25 3.74
N LEU B 239 -12.77 2.08 3.56
CA LEU B 239 -12.26 1.62 2.26
C LEU B 239 -12.59 0.19 1.93
N TYR B 240 -12.50 -0.68 2.95
CA TYR B 240 -12.69 -2.11 2.75
C TYR B 240 -14.15 -2.56 2.78
N ASN B 241 -14.87 -2.11 3.80
CA ASN B 241 -16.29 -2.45 3.98
C ASN B 241 -17.27 -1.47 3.32
N GLY B 242 -16.81 -0.26 3.02
CA GLY B 242 -17.64 0.73 2.31
C GLY B 242 -18.24 1.77 3.23
N LYS B 243 -19.08 2.63 2.66
CA LYS B 243 -19.59 3.83 3.35
C LYS B 243 -20.39 3.52 4.61
N ALA B 244 -21.01 2.36 4.67
CA ALA B 244 -21.83 1.94 5.80
C ALA B 244 -21.05 1.16 6.88
N TYR B 245 -19.72 1.19 6.83
CA TYR B 245 -18.88 0.47 7.78
C TYR B 245 -19.25 0.69 9.27
N ALA B 246 -19.65 1.92 9.63
CA ALA B 246 -19.94 2.25 11.03
C ALA B 246 -21.19 1.56 11.53
N GLU B 247 -22.16 1.35 10.66
CA GLU B 247 -23.43 0.76 11.05
C GLU B 247 -23.25 -0.68 11.52
N ASN B 248 -22.23 -1.39 11.00
CA ASN B 248 -21.93 -2.76 11.40
C ASN B 248 -20.67 -2.85 12.29
N LEU B 249 -20.23 -1.69 12.81
CA LEU B 249 -19.23 -1.62 13.86
C LEU B 249 -17.86 -2.12 13.40
N TYR B 250 -17.59 -2.12 12.10
CA TYR B 250 -16.30 -2.72 11.65
C TYR B 250 -15.11 -1.98 12.23
N ASP B 251 -15.20 -0.66 12.24
CA ASP B 251 -14.11 0.18 12.77
C ASP B 251 -13.77 -0.16 14.21
N VAL B 252 -14.79 -0.25 15.06
CA VAL B 252 -14.55 -0.49 16.47
C VAL B 252 -14.23 -1.96 16.71
N LYS B 253 -14.84 -2.88 15.96
CA LYS B 253 -14.46 -4.28 16.07
C LYS B 253 -13.00 -4.53 15.74
N LEU B 254 -12.53 -3.87 14.70
CA LEU B 254 -11.13 -3.95 14.35
C LEU B 254 -10.24 -3.39 15.44
N GLU B 255 -10.61 -2.21 15.91
CA GLU B 255 -9.81 -1.52 16.91
C GLU B 255 -9.69 -2.37 18.16
N ARG B 256 -10.82 -2.87 18.64
CA ARG B 256 -10.83 -3.64 19.88
C ARG B 256 -10.20 -4.99 19.75
N ALA B 257 -10.34 -5.63 18.57
CA ALA B 257 -9.59 -6.85 18.31
C ALA B 257 -8.09 -6.60 18.33
N PHE B 258 -7.66 -5.53 17.68
CA PHE B 258 -6.26 -5.15 17.63
C PHE B 258 -5.69 -4.94 19.05
N ASP B 259 -6.44 -4.23 19.87
CA ASP B 259 -6.04 -4.01 21.28
C ASP B 259 -5.86 -5.36 21.97
N ARG B 260 -6.82 -6.28 21.78
CA ARG B 260 -6.69 -7.63 22.36
C ARG B 260 -5.44 -8.36 21.93
N TYR B 261 -5.17 -8.35 20.62
CA TYR B 261 -4.01 -9.02 20.08
C TYR B 261 -2.68 -8.35 20.42
N SER B 262 -2.69 -7.04 20.55
CA SER B 262 -1.50 -6.28 21.00
C SER B 262 -1.16 -6.71 22.42
N ARG B 263 -2.18 -6.75 23.28
CA ARG B 263 -2.04 -7.26 24.65
C ARG B 263 -1.48 -8.70 24.74
N ALA B 264 -1.88 -9.60 23.85
CA ALA B 264 -1.36 -11.00 23.85
C ALA B 264 0.14 -11.15 23.53
N GLY C . 22.22 20.37 -6.06
CA GLY C . 21.50 20.18 -7.35
C GLY C . 21.58 21.38 -8.30
O GLY C . 20.80 21.44 -9.24
OXT GLY C . 22.47 22.25 -8.14
N GLY D . 40.66 19.95 -4.51
CA GLY D . 40.85 19.26 -3.22
C GLY D . 39.53 19.20 -2.46
O GLY D . 38.49 19.63 -2.98
OXT GLY D . 39.52 18.72 -1.33
N GLY E . 6.86 20.32 4.99
CA GLY E . 7.75 20.34 3.78
C GLY E . 7.70 21.66 3.05
O GLY E . 7.00 22.54 3.56
OXT GLY E . 8.34 21.91 2.01
C1 PGE F . -5.93 21.66 -11.87
O1 PGE F . -4.69 22.37 -11.73
C2 PGE F . -5.76 20.45 -12.74
O2 PGE F . -5.17 20.82 -13.99
C3 PGE F . -4.75 19.72 -14.80
C4 PGE F . -3.50 20.27 -15.45
O4 PGE F . -1.68 22.74 -16.54
C6 PGE F . -1.25 21.39 -16.73
C5 PGE F . -2.30 20.51 -17.40
O3 PGE F . -2.92 19.57 -16.53
N GLY G . -11.57 -19.83 16.41
CA GLY G . -12.58 -20.30 15.42
C GLY G . -12.80 -21.78 15.51
O GLY G . -12.39 -22.40 16.50
OXT GLY G . -13.40 -22.36 14.58
N GLY H . -13.17 -17.99 34.82
CA GLY H . -12.44 -16.69 34.94
C GLY H . -11.58 -16.46 33.72
O GLY H . -10.74 -15.56 33.74
OXT GLY H . -11.70 -17.18 32.70
#